data_6L1Y
#
_entry.id   6L1Y
#
_cell.length_a   68.444
_cell.length_b   66.468
_cell.length_c   73.850
_cell.angle_alpha   90.000
_cell.angle_beta   108.400
_cell.angle_gamma   90.000
#
_symmetry.space_group_name_H-M   'P 1 21 1'
#
loop_
_entity.id
_entity.type
_entity.pdbx_description
1 polymer gp120
2 polymer 'T-cell surface glycoprotein CD4'
3 non-polymer 2-acetamido-2-deoxy-beta-D-glucopyranose
4 non-polymer '4-(2-HYDROXYETHYL)-1-PIPERAZINE ETHANESULFONIC ACID'
5 water water
#
loop_
_entity_poly.entity_id
_entity_poly.type
_entity_poly.pdbx_seq_one_letter_code
_entity_poly.pdbx_strand_id
1 'polypeptide(L)'
;MDRAKLLLLLLLLLLPQAQAVGNLWVTVYYGVPVWKGATTTLFCASDAKAYETEVHNVWATHACVPADPNPQEMVLENVT
ENFNMWKNDMVNQMQEDVISLWDQSLKPCVKLTGGSAITQACPKVTFDPIPIHYCTPAGYAILKCNDKIFNGTGPCHNVS
TVQCTHGIKPVVSTQLLLNGSLAEGEIIIRSENLTNNVKTIIVHLNQSVEIVCTRPGNGGDIRQAHCNISEDKWNETLQR
VSKKLAEHFQNKTIKFASSSGGDLEVTTHSFNCRGEFFYCNTSGLFNGAYTPNGTKSNSSSIITIPCRIKQIINMWQEVG
RAMYAPPIKGNITCKSNITGLLLVRDGGTEPNDTETFRPGGGDMRNNWRSELYKYKVVEIKPLGVAPTTTKR
;
A
2 'polypeptide(L)'
;KKVVLGKKGDTVELTCTASQKKSIQFHWKNSNQIKILGNQGSFLTKGPSKLNDRADSRRSLWDQGNFPLIIKNLKIEDSD
TYICEVEDQKEEVQLLVFGLTANSDTHLLQGQSLTLTLESPPGSSPSVQCRSPRGKNIQGGKTLSVSQLELQDSGTWTCT
VLQNQKKVEFKIDIVVL
;
C
#
loop_
_chem_comp.id
_chem_comp.type
_chem_comp.name
_chem_comp.formula
EPE non-polymer '4-(2-HYDROXYETHYL)-1-PIPERAZINE ETHANESULFONIC ACID' 'C8 H18 N2 O4 S'
NAG D-saccharide, beta linking 2-acetamido-2-deoxy-beta-D-glucopyranose 'C8 H15 N O6'
#
# COMPACT_ATOMS: atom_id res chain seq x y z
N TRP A 35 -21.48 14.42 29.45
CA TRP A 35 -20.43 14.47 28.43
C TRP A 35 -20.93 14.33 26.99
N LYS A 36 -19.99 14.49 26.07
CA LYS A 36 -20.28 14.71 24.66
C LYS A 36 -18.95 14.54 23.92
N GLY A 37 -18.96 13.76 22.84
CA GLY A 37 -17.78 13.54 22.02
C GLY A 37 -17.18 14.85 21.55
N ALA A 38 -15.86 14.89 21.39
CA ALA A 38 -15.17 16.15 21.11
C ALA A 38 -13.76 15.93 20.66
N THR A 39 -13.16 17.00 20.14
CA THR A 39 -11.72 17.03 19.90
C THR A 39 -11.12 18.07 20.83
N THR A 40 -9.85 17.86 21.16
CA THR A 40 -9.11 18.81 21.94
C THR A 40 -7.63 18.51 21.79
N THR A 41 -6.81 19.23 22.54
CA THR A 41 -5.37 19.14 22.38
C THR A 41 -4.74 18.25 23.45
N LEU A 42 -4.44 17.02 23.04
CA LEU A 42 -3.92 16.02 23.96
C LEU A 42 -2.51 16.37 24.44
N PHE A 43 -2.14 15.86 25.61
CA PHE A 43 -0.72 15.86 25.95
C PHE A 43 -0.25 14.42 26.05
N CYS A 44 1.06 14.21 26.00
CA CYS A 44 1.57 12.84 26.05
C CYS A 44 2.30 12.60 27.36
N ALA A 45 2.54 11.34 27.65
CA ALA A 45 3.21 10.97 28.88
C ALA A 45 4.09 9.76 28.61
N SER A 46 5.23 9.71 29.26
CA SER A 46 6.16 8.62 29.08
C SER A 46 7.08 8.49 30.30
N ASP A 47 7.81 7.39 30.34
CA ASP A 47 8.83 7.16 31.35
C ASP A 47 10.20 7.43 30.76
N ALA A 48 10.28 8.44 29.92
CA ALA A 48 11.52 8.83 29.30
C ALA A 48 12.55 9.25 30.36
N LYS A 49 13.79 8.84 30.17
CA LYS A 49 14.90 9.35 30.97
C LYS A 49 15.49 10.55 30.26
N ALA A 50 15.82 11.60 31.01
CA ALA A 50 16.16 12.88 30.42
C ALA A 50 17.64 13.12 30.06
N TYR A 51 18.53 12.19 30.40
CA TYR A 51 19.94 12.37 30.07
C TYR A 51 20.44 11.20 29.25
N GLU A 52 19.48 10.45 28.78
CA GLU A 52 19.64 9.39 27.82
C GLU A 52 19.70 9.98 26.40
N THR A 53 20.57 9.47 25.54
CA THR A 53 20.66 10.01 24.18
C THR A 53 19.74 9.33 23.17
N GLU A 54 19.08 8.24 23.56
CA GLU A 54 18.16 7.59 22.64
C GLU A 54 17.05 8.57 22.21
N VAL A 55 16.74 8.54 20.92
CA VAL A 55 15.96 9.59 20.29
C VAL A 55 14.50 9.68 20.71
N HIS A 56 13.87 8.54 20.97
CA HIS A 56 12.49 8.62 21.44
C HIS A 56 12.51 9.25 22.84
N ASN A 57 13.48 8.83 23.65
CA ASN A 57 13.65 9.37 24.99
C ASN A 57 13.83 10.88 24.94
N VAL A 58 14.71 11.35 24.08
CA VAL A 58 14.97 12.78 23.98
C VAL A 58 13.73 13.54 23.52
N TRP A 59 12.98 13.00 22.55
CA TRP A 59 11.75 13.62 22.07
C TRP A 59 10.72 13.74 23.18
N ALA A 60 10.52 12.66 23.94
CA ALA A 60 9.42 12.58 24.88
C ALA A 60 9.63 13.46 26.08
N THR A 61 10.89 13.57 26.49
CA THR A 61 11.27 14.28 27.70
C THR A 61 10.99 15.76 27.54
N HIS A 62 11.12 16.26 26.32
CA HIS A 62 10.69 17.65 26.10
C HIS A 62 9.24 17.78 25.61
N ALA A 63 8.69 16.74 25.00
CA ALA A 63 7.35 16.86 24.46
C ALA A 63 6.27 16.28 25.35
N CYS A 64 6.65 15.54 26.39
CA CYS A 64 5.65 14.86 27.21
C CYS A 64 5.85 15.08 28.72
N VAL A 65 4.83 14.68 29.46
CA VAL A 65 4.79 14.72 30.91
C VAL A 65 5.32 13.39 31.44
N PRO A 66 5.88 13.39 32.67
CA PRO A 66 6.21 12.08 33.27
C PRO A 66 4.96 11.22 33.47
N ALA A 67 5.10 9.91 33.25
CA ALA A 67 3.96 9.02 33.37
C ALA A 67 3.53 8.96 34.81
N ASP A 68 2.25 9.25 35.04
CA ASP A 68 1.68 9.16 36.38
C ASP A 68 1.89 7.75 36.90
N PRO A 69 2.51 7.65 38.08
CA PRO A 69 2.71 6.40 38.81
C PRO A 69 1.37 5.73 39.07
N ASN A 70 0.31 6.53 39.25
CA ASN A 70 -0.98 5.98 39.67
C ASN A 70 -2.16 6.31 38.76
N PRO A 71 -2.19 5.70 37.57
CA PRO A 71 -3.23 5.96 36.58
C PRO A 71 -4.61 5.69 37.14
N GLN A 72 -5.42 6.73 37.25
CA GLN A 72 -6.79 6.59 37.72
C GLN A 72 -7.65 6.05 36.58
N GLU A 73 -8.33 4.94 36.85
CA GLU A 73 -9.33 4.40 35.94
C GLU A 73 -10.65 4.21 36.73
N MET A 74 -11.74 4.75 36.20
CA MET A 74 -13.04 4.63 36.85
C MET A 74 -14.10 4.03 35.91
N VAL A 75 -14.56 2.82 36.23
CA VAL A 75 -15.68 2.20 35.53
C VAL A 75 -16.96 3.05 35.61
N LEU A 76 -17.68 3.19 34.51
CA LEU A 76 -18.96 3.89 34.49
C LEU A 76 -20.10 2.89 34.42
N GLU A 77 -20.68 2.55 35.57
CA GLU A 77 -21.82 1.64 35.62
C GLU A 77 -23.00 2.29 34.92
N ASN A 78 -23.84 1.48 34.28
CA ASN A 78 -25.08 2.00 33.67
C ASN A 78 -24.79 2.99 32.53
N VAL A 79 -23.76 2.70 31.72
CA VAL A 79 -23.55 3.46 30.47
C VAL A 79 -23.02 2.64 29.26
N THR A 80 -23.50 3.02 28.08
CA THR A 80 -23.06 2.46 26.81
C THR A 80 -22.74 3.60 25.84
N GLU A 81 -21.63 3.47 25.10
CA GLU A 81 -21.17 4.52 24.20
C GLU A 81 -20.84 3.92 22.85
N ASN A 82 -21.02 4.71 21.81
CA ASN A 82 -20.62 4.30 20.49
C ASN A 82 -19.20 4.78 20.26
N PHE A 83 -18.42 3.94 19.58
CA PHE A 83 -17.05 4.27 19.26
C PHE A 83 -16.91 4.09 17.77
N ASN A 84 -15.94 4.78 17.19
CA ASN A 84 -15.59 4.53 15.81
C ASN A 84 -14.13 4.83 15.65
N MET A 85 -13.34 3.77 15.85
CA MET A 85 -11.91 3.78 15.71
C MET A 85 -11.46 4.41 14.38
N TRP A 86 -12.32 4.33 13.36
CA TRP A 86 -11.97 4.83 12.04
C TRP A 86 -12.05 6.35 11.90
N LYS A 87 -12.67 6.99 12.89
CA LYS A 87 -12.80 8.43 12.95
C LYS A 87 -12.36 8.91 14.33
N ASN A 88 -11.15 8.55 14.71
CA ASN A 88 -10.63 8.87 16.02
C ASN A 88 -9.50 9.86 15.86
N ASP A 89 -9.76 11.13 16.18
CA ASP A 89 -8.74 12.17 16.00
C ASP A 89 -7.50 11.96 16.90
N MET A 90 -7.62 11.18 17.96
CA MET A 90 -6.44 10.74 18.70
C MET A 90 -5.37 10.08 17.79
N VAL A 91 -5.82 9.38 16.77
CA VAL A 91 -4.92 8.77 15.79
C VAL A 91 -4.18 9.84 14.99
N ASN A 92 -4.90 10.88 14.61
CA ASN A 92 -4.29 12.02 13.93
C ASN A 92 -3.15 12.62 14.74
N GLN A 93 -3.41 12.94 15.99
CA GLN A 93 -2.38 13.57 16.82
C GLN A 93 -1.19 12.65 17.04
N MET A 94 -1.43 11.36 17.21
CA MET A 94 -0.29 10.46 17.39
C MET A 94 0.56 10.46 16.11
N GLN A 95 -0.10 10.41 14.96
CA GLN A 95 0.61 10.48 13.68
C GLN A 95 1.47 11.73 13.63
N GLU A 96 0.87 12.86 14.01
CA GLU A 96 1.60 14.12 14.02
C GLU A 96 2.85 14.07 14.92
N ASP A 97 2.73 13.52 16.12
CA ASP A 97 3.88 13.35 17.00
C ASP A 97 4.98 12.48 16.34
N VAL A 98 4.60 11.27 15.95
CA VAL A 98 5.58 10.33 15.39
C VAL A 98 6.32 10.95 14.18
N ILE A 99 5.60 11.73 13.37
CA ILE A 99 6.23 12.46 12.29
C ILE A 99 7.30 13.44 12.81
N SER A 100 6.92 14.27 13.80
CA SER A 100 7.84 15.25 14.40
C SER A 100 9.03 14.54 14.98
N LEU A 101 8.77 13.48 15.72
CA LEU A 101 9.82 12.68 16.34
C LEU A 101 10.81 12.24 15.26
N TRP A 102 10.33 11.56 14.22
CA TRP A 102 11.20 11.11 13.14
C TRP A 102 11.97 12.27 12.48
N ASP A 103 11.25 13.32 12.08
CA ASP A 103 11.86 14.53 11.51
C ASP A 103 12.98 15.13 12.38
N GLN A 104 12.85 15.03 13.71
CA GLN A 104 13.86 15.61 14.60
C GLN A 104 14.98 14.64 14.94
N SER A 105 14.70 13.35 14.85
CA SER A 105 15.61 12.30 15.36
C SER A 105 16.46 11.60 14.29
N LEU A 106 15.82 11.20 13.20
CA LEU A 106 16.53 10.49 12.14
C LEU A 106 16.85 11.42 11.00
N LYS A 107 18.11 11.81 10.90
CA LYS A 107 18.54 12.78 9.91
C LYS A 107 19.19 12.11 8.74
N PRO A 108 18.47 12.07 7.61
CA PRO A 108 18.99 11.55 6.34
C PRO A 108 20.04 12.49 5.77
N CYS A 109 21.01 11.95 5.04
CA CYS A 109 22.08 12.76 4.45
C CYS A 109 21.53 13.55 3.29
N VAL A 110 20.51 12.99 2.64
CA VAL A 110 19.87 13.62 1.51
C VAL A 110 18.38 13.36 1.65
N LYS A 111 17.57 14.38 1.42
CA LYS A 111 16.12 14.26 1.49
C LYS A 111 15.43 14.96 0.29
N LEU A 112 14.53 14.25 -0.38
CA LEU A 112 13.78 14.82 -1.48
C LEU A 112 12.30 15.07 -1.13
N THR A 113 11.85 16.31 -1.26
CA THR A 113 10.49 16.65 -0.85
C THR A 113 9.65 17.35 -1.93
N GLY A 114 9.92 18.62 -2.23
CA GLY A 114 9.11 19.36 -3.19
C GLY A 114 9.63 19.13 -4.61
N GLY A 115 10.50 18.13 -4.72
CA GLY A 115 11.44 18.04 -5.83
C GLY A 115 12.76 18.60 -5.29
N SER A 116 12.63 19.42 -4.24
CA SER A 116 13.73 20.16 -3.63
C SER A 116 14.64 19.26 -2.79
N ALA A 117 15.82 18.96 -3.33
CA ALA A 117 16.79 18.16 -2.60
C ALA A 117 17.53 19.03 -1.60
N ILE A 118 17.88 18.44 -0.45
CA ILE A 118 18.78 19.09 0.50
C ILE A 118 19.67 18.04 1.18
N THR A 119 20.82 18.49 1.68
CA THR A 119 21.71 17.61 2.43
C THR A 119 22.04 18.24 3.78
N GLN A 120 22.41 17.38 4.72
CA GLN A 120 22.76 17.82 6.05
C GLN A 120 23.56 16.73 6.76
N ALA A 121 24.16 17.05 7.90
CA ALA A 121 24.80 16.02 8.70
C ALA A 121 23.80 14.89 8.94
N CYS A 122 24.31 13.68 8.96
CA CYS A 122 23.48 12.51 9.14
C CYS A 122 24.16 11.54 10.10
N PRO A 123 24.37 11.97 11.35
CA PRO A 123 25.05 11.02 12.22
C PRO A 123 24.18 9.81 12.54
N LYS A 124 24.81 8.66 12.73
CA LYS A 124 24.15 7.48 13.30
C LYS A 124 23.61 7.84 14.68
N VAL A 125 22.54 7.16 15.06
CA VAL A 125 21.75 7.57 16.20
C VAL A 125 21.34 6.35 17.02
N THR A 126 20.83 6.57 18.22
CA THR A 126 20.40 5.46 19.04
C THR A 126 18.88 5.47 19.14
N PHE A 127 18.26 4.35 18.80
CA PHE A 127 16.89 4.34 18.30
C PHE A 127 16.18 3.10 18.78
N ASP A 128 15.23 3.28 19.68
CA ASP A 128 14.49 2.17 20.26
C ASP A 128 13.25 2.75 20.88
N PRO A 129 12.09 2.45 20.27
CA PRO A 129 10.84 3.11 20.65
C PRO A 129 10.50 2.86 22.12
N ILE A 130 10.07 3.90 22.83
CA ILE A 130 9.48 3.71 24.17
C ILE A 130 7.97 3.92 24.10
N PRO A 131 7.23 3.34 25.05
CA PRO A 131 5.79 3.58 25.11
C PRO A 131 5.42 5.05 25.35
N ILE A 132 4.43 5.54 24.63
CA ILE A 132 3.92 6.88 24.82
C ILE A 132 2.45 6.82 25.18
N HIS A 133 2.05 7.60 26.19
CA HIS A 133 0.66 7.64 26.61
C HIS A 133 -0.04 8.87 26.04
N TYR A 134 -1.33 8.77 25.77
CA TYR A 134 -2.06 9.94 25.31
C TYR A 134 -3.03 10.40 26.37
N CYS A 135 -2.94 11.67 26.73
CA CYS A 135 -3.68 12.13 27.88
C CYS A 135 -4.56 13.31 27.59
N THR A 136 -5.66 13.33 28.33
CA THR A 136 -6.64 14.38 28.18
C THR A 136 -6.45 15.39 29.30
N PRO A 137 -6.54 16.68 28.95
CA PRO A 137 -6.45 17.82 29.87
C PRO A 137 -7.83 18.16 30.47
N ALA A 138 -7.84 19.05 31.47
CA ALA A 138 -9.06 19.42 32.22
C ALA A 138 -10.17 19.86 31.31
N GLY A 139 -11.36 19.36 31.60
CA GLY A 139 -12.53 19.67 30.80
C GLY A 139 -12.82 18.51 29.89
N TYR A 140 -11.82 17.62 29.76
CA TYR A 140 -11.98 16.47 28.92
C TYR A 140 -11.56 15.19 29.62
N ALA A 141 -12.02 14.08 29.07
CA ALA A 141 -11.71 12.77 29.59
C ALA A 141 -11.61 11.82 28.39
N ILE A 142 -10.97 10.67 28.61
CA ILE A 142 -10.89 9.66 27.57
C ILE A 142 -11.77 8.49 27.99
N LEU A 143 -12.66 8.06 27.10
CA LEU A 143 -13.49 6.90 27.38
C LEU A 143 -12.85 5.66 26.76
N LYS A 144 -12.86 4.57 27.51
CA LYS A 144 -12.17 3.36 27.12
C LYS A 144 -13.15 2.21 27.11
N CYS A 145 -13.35 1.60 25.93
CA CYS A 145 -14.18 0.41 25.82
C CYS A 145 -13.44 -0.85 26.30
N ASN A 146 -14.08 -1.60 27.19
CA ASN A 146 -13.47 -2.82 27.76
C ASN A 146 -14.13 -4.12 27.31
N ASP A 147 -15.07 -4.06 26.37
CA ASP A 147 -15.62 -5.30 25.84
C ASP A 147 -14.49 -6.08 25.17
N LYS A 148 -14.41 -7.38 25.46
CA LYS A 148 -13.37 -8.21 24.86
C LYS A 148 -13.74 -8.54 23.42
N ILE A 149 -14.99 -8.29 23.08
CA ILE A 149 -15.51 -8.61 21.75
C ILE A 149 -15.44 -7.42 20.79
N PHE A 150 -15.12 -6.25 21.34
CA PHE A 150 -15.18 -4.99 20.60
C PHE A 150 -14.34 -5.00 19.34
N ASN A 151 -14.95 -4.54 18.26
CA ASN A 151 -14.31 -4.60 16.96
C ASN A 151 -13.85 -3.24 16.46
N GLY A 152 -14.18 -2.17 17.20
CA GLY A 152 -13.82 -0.82 16.82
C GLY A 152 -14.95 0.14 16.49
N THR A 153 -16.13 -0.38 16.17
CA THR A 153 -17.30 0.46 15.93
C THR A 153 -18.55 -0.18 16.52
N GLY A 154 -19.59 0.63 16.70
CA GLY A 154 -20.80 0.17 17.36
C GLY A 154 -20.77 0.43 18.85
N PRO A 155 -21.86 0.10 19.55
CA PRO A 155 -21.92 0.50 20.96
C PRO A 155 -20.99 -0.33 21.84
N CYS A 156 -20.45 0.27 22.91
CA CYS A 156 -19.65 -0.47 23.88
C CYS A 156 -20.37 -0.56 25.22
N HIS A 157 -20.29 -1.72 25.86
CA HIS A 157 -21.10 -1.98 27.06
C HIS A 157 -20.37 -1.84 28.42
N ASN A 158 -19.08 -2.19 28.48
CA ASN A 158 -18.25 -1.91 29.65
C ASN A 158 -17.31 -0.76 29.30
N VAL A 159 -17.78 0.46 29.60
CA VAL A 159 -17.02 1.67 29.37
C VAL A 159 -16.45 2.20 30.68
N SER A 160 -15.16 2.51 30.69
CA SER A 160 -14.55 3.13 31.85
C SER A 160 -13.99 4.46 31.39
N THR A 161 -13.55 5.30 32.34
CA THR A 161 -12.90 6.57 32.00
C THR A 161 -11.49 6.53 32.54
N VAL A 162 -10.56 7.13 31.80
CA VAL A 162 -9.17 7.16 32.21
C VAL A 162 -8.61 8.56 31.96
N GLN A 163 -7.42 8.86 32.48
CA GLN A 163 -6.78 10.10 32.05
C GLN A 163 -5.89 9.85 30.86
N CYS A 164 -5.30 8.67 30.79
CA CYS A 164 -4.40 8.37 29.70
C CYS A 164 -4.67 7.01 29.14
N THR A 165 -4.34 6.84 27.87
CA THR A 165 -4.26 5.52 27.27
C THR A 165 -3.16 4.73 27.96
N HIS A 166 -3.19 3.42 27.79
CA HIS A 166 -2.04 2.59 28.10
C HIS A 166 -0.84 3.10 27.29
N GLY A 167 0.37 2.67 27.64
CA GLY A 167 1.57 3.09 26.92
C GLY A 167 1.67 2.40 25.57
N ILE A 168 1.94 3.17 24.51
CA ILE A 168 1.89 2.66 23.13
C ILE A 168 3.19 2.92 22.38
N LYS A 169 3.92 1.88 22.03
CA LYS A 169 5.17 2.08 21.32
C LYS A 169 4.85 2.50 19.88
N PRO A 170 5.44 3.60 19.43
CA PRO A 170 5.19 4.05 18.06
C PRO A 170 6.02 3.31 17.04
N VAL A 171 5.87 1.99 16.92
CA VAL A 171 6.69 1.25 15.97
C VAL A 171 6.21 1.55 14.56
N VAL A 172 7.10 2.00 13.70
CA VAL A 172 6.74 2.22 12.31
C VAL A 172 7.05 0.99 11.45
N SER A 173 6.01 0.40 10.88
CA SER A 173 6.18 -0.79 10.07
C SER A 173 5.04 -0.96 9.08
N THR A 174 5.25 -1.85 8.13
CA THR A 174 4.21 -2.29 7.23
C THR A 174 4.04 -3.79 7.45
N GLN A 175 2.93 -4.34 6.99
CA GLN A 175 2.69 -5.81 7.01
C GLN A 175 2.46 -6.46 8.38
N LEU A 176 3.45 -6.35 9.25
CA LEU A 176 3.34 -6.90 10.59
C LEU A 176 3.35 -5.80 11.65
N LEU A 177 2.37 -5.81 12.54
CA LEU A 177 2.36 -4.85 13.64
C LEU A 177 3.24 -5.41 14.73
N LEU A 178 4.27 -4.66 15.11
CA LEU A 178 5.27 -5.15 16.05
C LEU A 178 5.04 -4.54 17.42
N ASN A 179 5.18 -5.34 18.46
CA ASN A 179 5.22 -4.84 19.81
C ASN A 179 4.00 -4.13 20.34
N GLY A 180 2.85 -4.42 19.76
CA GLY A 180 1.63 -3.83 20.25
C GLY A 180 1.16 -4.59 21.46
N SER A 181 -0.09 -4.35 21.84
CA SER A 181 -0.74 -5.16 22.84
C SER A 181 -1.56 -6.26 22.14
N LEU A 182 -1.98 -7.25 22.92
CA LEU A 182 -2.62 -8.42 22.37
C LEU A 182 -4.10 -8.32 22.67
N ALA A 183 -4.94 -8.79 21.74
CA ALA A 183 -6.34 -8.95 22.06
C ALA A 183 -6.46 -9.91 23.25
N GLU A 184 -7.44 -9.69 24.10
CA GLU A 184 -7.55 -10.47 25.31
C GLU A 184 -8.36 -11.74 25.10
N GLY A 185 -9.49 -11.62 24.44
CA GLY A 185 -10.30 -12.79 24.15
C GLY A 185 -9.74 -13.50 22.94
N GLU A 186 -10.51 -13.53 21.86
CA GLU A 186 -10.08 -14.20 20.67
C GLU A 186 -9.50 -13.18 19.72
N ILE A 187 -8.83 -13.69 18.70
CA ILE A 187 -8.37 -12.88 17.58
C ILE A 187 -9.50 -12.00 17.06
N ILE A 188 -9.20 -10.73 16.83
CA ILE A 188 -10.17 -9.78 16.32
C ILE A 188 -9.81 -9.31 14.90
N ILE A 189 -10.84 -9.17 14.08
CA ILE A 189 -10.75 -8.64 12.73
C ILE A 189 -11.32 -7.23 12.71
N ARG A 190 -10.53 -6.27 12.25
CA ARG A 190 -10.98 -4.90 12.15
C ARG A 190 -10.85 -4.38 10.74
N SER A 191 -11.85 -3.64 10.29
CA SER A 191 -11.78 -2.96 9.03
C SER A 191 -12.86 -1.91 9.01
N GLU A 192 -12.63 -0.81 8.32
CA GLU A 192 -13.70 0.19 8.19
C GLU A 192 -14.88 -0.35 7.37
N ASN A 193 -14.64 -1.41 6.60
CA ASN A 193 -15.65 -1.96 5.70
C ASN A 193 -15.08 -3.18 5.01
N LEU A 194 -15.50 -4.36 5.46
CA LEU A 194 -14.91 -5.62 5.02
C LEU A 194 -15.32 -5.99 3.61
N THR A 195 -16.41 -5.42 3.13
CA THR A 195 -16.83 -5.70 1.77
C THR A 195 -15.94 -4.92 0.80
N ASN A 196 -15.33 -3.85 1.28
CA ASN A 196 -14.48 -3.02 0.45
C ASN A 196 -13.01 -3.49 0.43
N ASN A 197 -12.58 -4.00 -0.73
CA ASN A 197 -11.26 -4.65 -0.81
C ASN A 197 -10.06 -3.70 -0.82
N VAL A 198 -10.33 -2.41 -0.84
CA VAL A 198 -9.30 -1.38 -0.73
C VAL A 198 -8.98 -1.13 0.75
N LYS A 199 -9.94 -1.44 1.60
CA LYS A 199 -9.82 -1.15 3.01
C LYS A 199 -8.89 -2.14 3.73
N THR A 200 -7.85 -1.59 4.36
CA THR A 200 -6.87 -2.41 5.06
C THR A 200 -7.58 -3.14 6.19
N ILE A 201 -7.26 -4.42 6.37
CA ILE A 201 -7.81 -5.20 7.47
C ILE A 201 -6.81 -5.31 8.60
N ILE A 202 -7.17 -4.82 9.77
CA ILE A 202 -6.32 -4.96 10.94
C ILE A 202 -6.70 -6.20 11.73
N VAL A 203 -5.79 -7.16 11.78
CA VAL A 203 -5.91 -8.38 12.58
C VAL A 203 -5.21 -8.20 13.92
N HIS A 204 -5.98 -8.33 14.99
CA HIS A 204 -5.47 -8.14 16.34
C HIS A 204 -5.23 -9.52 16.94
N LEU A 205 -3.97 -9.88 17.08
CA LEU A 205 -3.65 -11.19 17.59
C LEU A 205 -3.94 -11.23 19.07
N ASN A 206 -3.95 -12.43 19.63
CA ASN A 206 -4.19 -12.55 21.05
C ASN A 206 -3.14 -13.45 21.67
N GLN A 207 -2.20 -13.86 20.82
CA GLN A 207 -0.98 -14.50 21.25
C GLN A 207 0.09 -14.02 20.29
N SER A 208 1.25 -13.63 20.80
CA SER A 208 2.25 -13.11 19.89
C SER A 208 3.12 -14.22 19.27
N VAL A 209 3.79 -13.90 18.17
CA VAL A 209 4.75 -14.79 17.54
C VAL A 209 6.04 -13.99 17.46
N GLU A 210 7.06 -14.44 18.17
CA GLU A 210 8.30 -13.70 18.22
C GLU A 210 8.90 -13.71 16.83
N ILE A 211 9.53 -12.60 16.44
CA ILE A 211 10.38 -12.59 15.25
C ILE A 211 11.72 -11.93 15.61
N VAL A 212 12.81 -12.61 15.25
CA VAL A 212 14.16 -12.08 15.44
C VAL A 212 14.76 -11.80 14.07
N CYS A 213 15.13 -10.55 13.82
CA CYS A 213 15.73 -10.18 12.54
C CYS A 213 17.11 -9.67 12.85
N THR A 214 18.08 -10.08 12.04
CA THR A 214 19.45 -9.62 12.27
C THR A 214 20.34 -9.53 11.03
N ARG A 215 21.14 -8.47 11.04
CA ARG A 215 22.20 -8.24 10.10
C ARG A 215 23.48 -8.66 10.83
N PRO A 216 23.99 -9.85 10.50
CA PRO A 216 25.17 -10.42 11.18
C PRO A 216 26.41 -9.56 11.01
N GLY A 217 27.20 -9.40 12.07
CA GLY A 217 28.54 -8.87 11.95
C GLY A 217 29.41 -9.93 11.30
N ASN A 218 29.91 -9.63 10.11
CA ASN A 218 30.63 -10.58 9.24
C ASN A 218 29.86 -11.83 8.74
N GLY A 219 28.84 -11.63 7.90
CA GLY A 219 28.41 -10.33 7.43
C GLY A 219 29.12 -9.88 6.17
N GLY A 220 29.18 -10.77 5.17
CA GLY A 220 29.86 -10.48 3.92
C GLY A 220 29.24 -9.34 3.12
N ASP A 221 27.95 -9.48 2.77
CA ASP A 221 27.19 -8.35 2.29
C ASP A 221 26.70 -7.59 3.53
N ILE A 222 27.25 -6.39 3.71
CA ILE A 222 26.95 -5.49 4.81
C ILE A 222 25.45 -5.14 4.88
N ARG A 223 24.77 -5.15 3.74
CA ARG A 223 23.35 -4.82 3.72
C ARG A 223 22.46 -6.08 3.64
N GLN A 224 23.03 -7.24 3.92
CA GLN A 224 22.27 -8.49 3.88
C GLN A 224 21.80 -8.80 5.27
N ALA A 225 20.58 -9.32 5.40
CA ALA A 225 20.05 -9.69 6.70
C ALA A 225 18.95 -10.76 6.58
N HIS A 226 18.53 -11.33 7.71
CA HIS A 226 17.49 -12.35 7.69
C HIS A 226 16.71 -12.30 9.00
N CYS A 227 15.47 -12.81 8.96
CA CYS A 227 14.63 -12.94 10.16
C CYS A 227 14.24 -14.39 10.37
N ASN A 228 14.20 -14.82 11.64
CA ASN A 228 13.71 -16.16 11.99
C ASN A 228 12.37 -16.16 12.72
N ILE A 229 11.48 -17.04 12.31
CA ILE A 229 10.16 -17.15 12.94
C ILE A 229 9.85 -18.63 13.13
N SER A 230 9.33 -18.99 14.31
CA SER A 230 8.97 -20.37 14.61
C SER A 230 7.88 -20.83 13.67
N GLU A 231 8.25 -21.76 12.79
CA GLU A 231 7.35 -22.33 11.79
C GLU A 231 6.03 -22.82 12.36
N ASP A 232 6.09 -23.57 13.46
CA ASP A 232 4.85 -24.04 14.08
C ASP A 232 4.00 -22.86 14.60
N LYS A 233 4.64 -21.94 15.32
CA LYS A 233 3.92 -20.80 15.89
C LYS A 233 3.28 -19.92 14.81
N TRP A 234 4.00 -19.70 13.70
CA TRP A 234 3.41 -18.95 12.60
C TRP A 234 2.24 -19.71 11.99
N ASN A 235 2.48 -20.98 11.68
CA ASN A 235 1.42 -21.83 11.12
C ASN A 235 0.18 -21.78 11.99
N GLU A 236 0.34 -21.92 13.30
CA GLU A 236 -0.79 -21.85 14.21
C GLU A 236 -1.51 -20.51 14.12
N THR A 237 -0.73 -19.45 14.01
CA THR A 237 -1.26 -18.12 13.93
C THR A 237 -2.09 -17.94 12.66
N LEU A 238 -1.56 -18.35 11.52
CA LEU A 238 -2.31 -18.17 10.28
C LEU A 238 -3.55 -19.05 10.22
N GLN A 239 -3.45 -20.28 10.76
CA GLN A 239 -4.59 -21.19 10.82
C GLN A 239 -5.78 -20.52 11.52
N ARG A 240 -5.50 -19.82 12.61
CA ARG A 240 -6.55 -19.22 13.43
C ARG A 240 -7.09 -17.96 12.78
N VAL A 241 -6.18 -17.20 12.17
CA VAL A 241 -6.61 -16.03 11.43
C VAL A 241 -7.54 -16.46 10.29
N SER A 242 -7.19 -17.54 9.60
CA SER A 242 -8.04 -18.04 8.52
C SER A 242 -9.46 -18.30 9.00
N LYS A 243 -9.57 -19.00 10.14
CA LYS A 243 -10.87 -19.34 10.70
C LYS A 243 -11.68 -18.09 10.98
N LYS A 244 -11.07 -17.13 11.66
CA LYS A 244 -11.74 -15.85 11.90
C LYS A 244 -12.21 -15.29 10.56
N LEU A 245 -11.26 -15.18 9.63
CA LEU A 245 -11.58 -14.68 8.30
C LEU A 245 -12.69 -15.49 7.62
N ALA A 246 -12.71 -16.80 7.85
CA ALA A 246 -13.80 -17.61 7.30
C ALA A 246 -15.15 -17.16 7.81
N GLU A 247 -15.22 -16.72 9.07
CA GLU A 247 -16.49 -16.28 9.68
C GLU A 247 -17.15 -15.09 8.96
N HIS A 248 -16.35 -14.22 8.35
CA HIS A 248 -16.88 -13.03 7.68
C HIS A 248 -17.04 -13.25 6.20
N PHE A 249 -16.43 -14.31 5.70
CA PHE A 249 -16.49 -14.67 4.29
C PHE A 249 -16.88 -16.12 4.18
N GLN A 250 -18.16 -16.38 4.42
CA GLN A 250 -18.66 -17.75 4.43
C GLN A 250 -18.69 -18.37 3.01
N ASN A 251 -18.50 -19.69 2.96
CA ASN A 251 -18.43 -20.42 1.69
C ASN A 251 -17.21 -20.04 0.86
N LYS A 252 -16.12 -19.70 1.54
CA LYS A 252 -14.85 -19.33 0.89
C LYS A 252 -13.71 -20.15 1.40
N THR A 253 -12.84 -20.59 0.50
CA THR A 253 -11.54 -21.07 0.91
C THR A 253 -10.70 -19.83 1.18
N ILE A 254 -10.06 -19.79 2.33
CA ILE A 254 -9.26 -18.63 2.69
C ILE A 254 -7.78 -18.93 2.48
N LYS A 255 -7.15 -18.23 1.54
CA LYS A 255 -5.70 -18.35 1.37
C LYS A 255 -4.97 -17.03 1.51
N PHE A 256 -3.65 -17.14 1.66
CA PHE A 256 -2.75 -16.02 1.87
C PHE A 256 -1.73 -16.01 0.76
N ALA A 257 -1.44 -14.84 0.22
CA ALA A 257 -0.43 -14.73 -0.82
C ALA A 257 0.52 -13.56 -0.57
N SER A 258 1.68 -13.61 -1.23
CA SER A 258 2.68 -12.56 -1.17
C SER A 258 2.06 -11.20 -1.44
N SER A 259 2.68 -10.16 -0.91
CA SER A 259 2.38 -8.79 -1.29
C SER A 259 2.32 -8.67 -2.81
N SER A 260 1.39 -7.87 -3.30
CA SER A 260 1.13 -7.77 -4.73
C SER A 260 1.87 -6.63 -5.39
N GLY A 261 2.82 -6.03 -4.69
CA GLY A 261 3.67 -5.03 -5.32
C GLY A 261 3.37 -3.60 -4.96
N GLY A 262 4.18 -2.70 -5.49
CA GLY A 262 4.14 -1.32 -5.09
C GLY A 262 5.54 -1.03 -4.59
N ASP A 263 5.68 -0.04 -3.71
CA ASP A 263 6.97 0.32 -3.15
C ASP A 263 7.61 -0.81 -2.33
N LEU A 264 8.94 -0.82 -2.28
CA LEU A 264 9.62 -1.85 -1.49
C LEU A 264 9.26 -1.79 0.00
N GLU A 265 8.97 -0.61 0.52
CA GLU A 265 8.57 -0.49 1.94
C GLU A 265 7.26 -1.24 2.24
N VAL A 266 6.46 -1.45 1.22
CA VAL A 266 5.14 -2.05 1.40
C VAL A 266 5.18 -3.52 0.93
N THR A 267 6.03 -3.80 -0.03
CA THR A 267 6.09 -5.13 -0.57
C THR A 267 6.77 -6.04 0.44
N THR A 268 7.75 -5.49 1.15
CA THR A 268 8.36 -6.27 2.20
C THR A 268 7.81 -5.83 3.54
N HIS A 269 8.04 -6.66 4.55
CA HIS A 269 7.89 -6.22 5.92
C HIS A 269 9.04 -5.29 6.23
N SER A 270 8.79 -3.98 6.28
CA SER A 270 9.84 -3.03 6.66
C SER A 270 9.58 -2.33 7.97
N PHE A 271 10.68 -1.92 8.58
CA PHE A 271 10.70 -1.41 9.94
C PHE A 271 12.13 -0.91 10.16
N ASN A 272 12.30 0.00 11.10
CA ASN A 272 13.61 0.52 11.43
C ASN A 272 14.12 -0.23 12.64
N CYS A 273 15.39 -0.63 12.61
CA CYS A 273 15.94 -1.39 13.71
C CYS A 273 17.28 -0.82 14.07
N ARG A 274 17.37 -0.31 15.29
CA ARG A 274 18.56 0.39 15.73
C ARG A 274 19.04 1.45 14.75
N GLY A 275 18.08 2.12 14.10
CA GLY A 275 18.42 3.23 13.21
C GLY A 275 18.54 2.85 11.74
N GLU A 276 18.58 1.55 11.44
CA GLU A 276 18.72 1.08 10.05
C GLU A 276 17.36 0.62 9.51
N PHE A 277 17.13 0.84 8.21
CA PHE A 277 15.86 0.48 7.59
C PHE A 277 15.93 -0.89 6.96
N PHE A 278 15.25 -1.85 7.59
CA PHE A 278 15.22 -3.24 7.17
C PHE A 278 14.08 -3.44 6.18
N TYR A 279 14.29 -4.28 5.17
CA TYR A 279 13.22 -4.73 4.24
C TYR A 279 13.25 -6.24 4.19
N CYS A 280 12.21 -6.87 4.71
CA CYS A 280 12.22 -8.32 4.86
C CYS A 280 11.13 -8.98 4.05
N ASN A 281 11.56 -9.87 3.17
CA ASN A 281 10.68 -10.54 2.24
C ASN A 281 9.75 -11.58 2.88
N THR A 282 8.45 -11.34 2.80
CA THR A 282 7.50 -12.19 3.52
C THR A 282 6.85 -13.30 2.65
N SER A 283 7.40 -13.53 1.46
CA SER A 283 6.94 -14.62 0.60
C SER A 283 6.74 -15.91 1.38
N GLY A 284 7.75 -16.28 2.15
CA GLY A 284 7.71 -17.52 2.91
C GLY A 284 6.82 -17.49 4.15
N LEU A 285 6.03 -16.43 4.28
CA LEU A 285 5.12 -16.28 5.40
C LEU A 285 3.65 -16.29 4.93
N PHE A 286 3.41 -15.84 3.72
CA PHE A 286 2.05 -15.80 3.21
C PHE A 286 1.91 -16.67 1.96
N ASN A 287 1.89 -17.98 2.19
CA ASN A 287 2.10 -18.95 1.12
C ASN A 287 1.16 -20.15 1.18
N GLY A 288 -0.07 -19.96 0.69
CA GLY A 288 -1.04 -21.05 0.59
C GLY A 288 -2.21 -20.97 1.55
N ALA A 289 -2.74 -22.13 1.91
CA ALA A 289 -3.81 -22.21 2.91
C ALA A 289 -3.24 -22.73 4.23
N TYR A 290 -3.87 -22.35 5.33
CA TYR A 290 -3.40 -22.76 6.65
C TYR A 290 -4.53 -23.43 7.41
N THR A 291 -4.38 -24.73 7.63
CA THR A 291 -5.46 -25.59 8.10
C THR A 291 -5.10 -26.18 9.45
N PRO A 292 -6.12 -26.38 10.31
CA PRO A 292 -5.94 -26.77 11.72
C PRO A 292 -4.91 -27.88 11.97
N ASN A 293 -4.73 -28.80 11.04
CA ASN A 293 -3.80 -29.91 11.27
C ASN A 293 -2.99 -30.29 10.03
N SER A 299 11.61 -27.56 6.24
CA SER A 299 12.89 -26.89 6.51
C SER A 299 13.43 -27.29 7.88
N SER A 300 12.91 -26.64 8.92
CA SER A 300 13.27 -26.94 10.30
C SER A 300 12.05 -26.75 11.20
N SER A 301 12.28 -26.14 12.36
CA SER A 301 11.22 -25.67 13.21
C SER A 301 11.09 -24.17 12.98
N ILE A 302 12.03 -23.63 12.19
CA ILE A 302 12.17 -22.20 11.98
C ILE A 302 12.01 -21.75 10.52
N ILE A 303 11.12 -20.77 10.30
CA ILE A 303 11.06 -20.10 9.00
C ILE A 303 12.11 -18.99 8.94
N THR A 304 12.91 -18.98 7.88
CA THR A 304 13.91 -17.94 7.67
C THR A 304 13.55 -17.08 6.47
N ILE A 305 13.64 -15.77 6.67
CA ILE A 305 13.17 -14.82 5.69
C ILE A 305 14.32 -13.91 5.32
N PRO A 306 14.54 -13.68 4.03
CA PRO A 306 15.69 -12.83 3.72
C PRO A 306 15.32 -11.36 3.88
N CYS A 307 16.28 -10.56 4.33
CA CYS A 307 16.11 -9.14 4.54
C CYS A 307 17.21 -8.35 3.85
N ARG A 308 16.89 -7.13 3.40
CA ARG A 308 17.91 -6.17 2.99
C ARG A 308 17.83 -4.93 3.86
N ILE A 309 18.99 -4.37 4.19
CA ILE A 309 19.08 -3.01 4.74
C ILE A 309 19.33 -2.01 3.62
N LYS A 310 18.51 -0.97 3.54
CA LYS A 310 18.65 0.03 2.48
C LYS A 310 19.00 1.41 3.03
N GLN A 311 19.78 2.14 2.26
CA GLN A 311 20.12 3.50 2.59
C GLN A 311 19.14 4.46 1.94
N ILE A 312 18.58 4.03 0.81
CA ILE A 312 17.72 4.90 0.04
C ILE A 312 16.33 4.39 0.21
N ILE A 313 15.45 5.26 0.67
CA ILE A 313 14.13 4.84 1.07
C ILE A 313 13.06 5.85 0.67
N ASN A 314 11.86 5.33 0.46
CA ASN A 314 10.71 6.18 0.39
C ASN A 314 10.29 6.54 1.81
N MET A 315 9.93 7.81 2.02
CA MET A 315 9.54 8.27 3.33
C MET A 315 8.07 7.95 3.62
N TRP A 316 7.79 7.56 4.85
CA TRP A 316 6.41 7.33 5.25
C TRP A 316 5.68 8.62 5.68
N GLN A 317 6.41 9.55 6.29
CA GLN A 317 5.86 10.81 6.82
C GLN A 317 5.15 11.61 5.76
N GLU A 318 5.63 11.50 4.53
CA GLU A 318 5.17 12.36 3.44
C GLU A 318 5.78 11.89 2.12
N VAL A 319 5.24 12.37 1.00
CA VAL A 319 5.70 11.87 -0.29
C VAL A 319 7.10 12.40 -0.62
N GLY A 320 8.08 11.49 -0.67
CA GLY A 320 9.47 11.88 -0.82
C GLY A 320 10.48 10.77 -0.49
N ARG A 321 11.75 11.04 -0.75
CA ARG A 321 12.79 10.03 -0.62
C ARG A 321 13.91 10.49 0.31
N ALA A 322 14.47 9.56 1.06
CA ALA A 322 15.54 9.92 1.98
C ALA A 322 16.68 8.98 1.72
N MET A 323 17.88 9.44 2.05
CA MET A 323 19.09 8.68 1.82
C MET A 323 19.98 8.76 3.07
N TYR A 324 20.18 7.63 3.72
CA TYR A 324 21.02 7.57 4.91
C TYR A 324 22.39 7.00 4.64
N ALA A 325 23.21 6.97 5.67
CA ALA A 325 24.52 6.35 5.64
C ALA A 325 24.42 4.80 5.75
N PRO A 326 25.47 4.08 5.30
CA PRO A 326 25.57 2.61 5.38
C PRO A 326 25.43 2.12 6.83
N PRO A 327 25.06 0.84 7.05
CA PRO A 327 24.83 0.30 8.38
C PRO A 327 26.04 0.37 9.28
N ILE A 328 25.77 0.57 10.58
CA ILE A 328 26.80 0.52 11.61
C ILE A 328 27.53 -0.82 11.62
N LYS A 329 28.40 -1.02 12.61
CA LYS A 329 29.15 -2.27 12.68
C LYS A 329 28.46 -3.25 13.63
N GLY A 330 28.97 -4.48 13.69
CA GLY A 330 28.50 -5.48 14.62
C GLY A 330 27.17 -6.10 14.22
N ASN A 331 26.66 -6.96 15.09
CA ASN A 331 25.34 -7.54 14.93
C ASN A 331 24.24 -6.50 15.11
N ILE A 332 23.44 -6.31 14.08
CA ILE A 332 22.28 -5.44 14.15
C ILE A 332 21.08 -6.37 14.25
N THR A 333 20.56 -6.53 15.46
CA THR A 333 19.47 -7.47 15.71
C THR A 333 18.32 -6.79 16.44
N CYS A 334 17.10 -7.04 15.98
CA CYS A 334 15.91 -6.66 16.74
C CYS A 334 15.00 -7.88 16.93
N LYS A 335 14.62 -8.12 18.17
CA LYS A 335 13.74 -9.23 18.52
C LYS A 335 12.42 -8.59 18.89
N SER A 336 11.35 -8.96 18.18
CA SER A 336 10.06 -8.30 18.36
C SER A 336 8.92 -9.27 18.60
N ASN A 337 7.81 -8.75 19.10
CA ASN A 337 6.59 -9.55 19.17
C ASN A 337 5.66 -9.15 18.05
N ILE A 338 5.45 -10.06 17.11
CA ILE A 338 4.33 -9.87 16.18
C ILE A 338 3.03 -9.99 16.98
N THR A 339 2.34 -8.87 17.13
CA THR A 339 1.07 -8.88 17.86
C THR A 339 -0.12 -8.49 16.99
N GLY A 340 0.16 -8.14 15.75
CA GLY A 340 -0.89 -7.74 14.83
C GLY A 340 -0.47 -7.95 13.38
N LEU A 341 -1.43 -7.84 12.49
CA LEU A 341 -1.21 -8.06 11.06
C LEU A 341 -1.97 -6.98 10.33
N LEU A 342 -1.41 -6.54 9.21
CA LEU A 342 -2.12 -5.67 8.28
C LEU A 342 -2.31 -6.41 6.96
N LEU A 343 -3.57 -6.65 6.58
CA LEU A 343 -3.91 -7.43 5.38
C LEU A 343 -4.83 -6.68 4.43
N VAL A 344 -4.76 -7.02 3.14
CA VAL A 344 -5.74 -6.56 2.17
C VAL A 344 -6.28 -7.73 1.39
N ARG A 345 -7.57 -7.71 1.11
CA ARG A 345 -8.23 -8.81 0.43
C ARG A 345 -8.31 -8.46 -1.06
N ASP A 346 -7.96 -9.43 -1.91
CA ASP A 346 -7.96 -9.22 -3.36
C ASP A 346 -9.34 -8.75 -3.84
N GLY A 347 -10.37 -9.53 -3.51
CA GLY A 347 -11.71 -9.22 -3.93
C GLY A 347 -11.81 -9.45 -5.42
N GLY A 348 -12.70 -8.70 -6.07
CA GLY A 348 -12.89 -8.82 -7.51
C GLY A 348 -14.12 -9.63 -7.87
N THR A 349 -14.84 -9.19 -8.91
CA THR A 349 -16.05 -9.86 -9.39
C THR A 349 -15.72 -11.18 -10.10
N GLU A 350 -14.87 -11.98 -9.47
CA GLU A 350 -14.57 -13.30 -9.99
C GLU A 350 -15.71 -14.21 -9.57
N PRO A 351 -16.13 -15.12 -10.47
CA PRO A 351 -17.05 -16.17 -10.01
C PRO A 351 -16.28 -17.05 -9.03
N ASN A 352 -14.97 -17.12 -9.24
CA ASN A 352 -14.05 -17.78 -8.34
C ASN A 352 -14.26 -17.30 -6.90
N ASP A 353 -14.30 -18.24 -5.97
CA ASP A 353 -14.86 -17.98 -4.66
C ASP A 353 -13.93 -18.37 -3.51
N THR A 354 -12.63 -18.20 -3.72
CA THR A 354 -11.68 -18.32 -2.64
C THR A 354 -11.15 -16.93 -2.34
N GLU A 355 -11.31 -16.47 -1.10
CA GLU A 355 -10.79 -15.15 -0.73
C GLU A 355 -9.30 -15.21 -0.48
N THR A 356 -8.55 -14.32 -1.10
CA THR A 356 -7.12 -14.33 -0.83
C THR A 356 -6.66 -13.04 -0.18
N PHE A 357 -5.80 -13.19 0.82
CA PHE A 357 -5.36 -12.09 1.67
C PHE A 357 -3.84 -11.88 1.61
N ARG A 358 -3.43 -10.63 1.42
CA ARG A 358 -2.00 -10.28 1.32
C ARG A 358 -1.55 -9.26 2.38
N PRO A 359 -0.25 -9.23 2.67
CA PRO A 359 0.16 -8.28 3.70
C PRO A 359 0.06 -6.87 3.13
N GLY A 360 -0.49 -5.94 3.90
CA GLY A 360 -0.65 -4.56 3.47
C GLY A 360 0.11 -3.59 4.37
N GLY A 361 -0.39 -2.37 4.51
CA GLY A 361 0.27 -1.41 5.38
C GLY A 361 0.86 -0.24 4.61
N GLY A 362 1.42 0.75 5.33
CA GLY A 362 1.99 1.91 4.69
C GLY A 362 1.37 3.21 5.19
N ASP A 363 0.06 3.20 5.39
CA ASP A 363 -0.58 4.28 6.13
C ASP A 363 -0.44 3.99 7.62
N MET A 364 0.43 4.74 8.27
CA MET A 364 0.74 4.51 9.67
C MET A 364 -0.44 4.85 10.61
N ARG A 365 -1.48 5.53 10.12
CA ARG A 365 -2.70 5.71 10.93
C ARG A 365 -3.29 4.36 11.33
N ASN A 366 -3.12 3.36 10.47
CA ASN A 366 -3.62 2.05 10.85
C ASN A 366 -2.79 1.47 11.98
N ASN A 367 -1.48 1.67 11.95
CA ASN A 367 -0.67 1.27 13.09
C ASN A 367 -1.21 1.85 14.40
N TRP A 368 -1.46 3.15 14.44
CA TRP A 368 -1.99 3.74 15.68
C TRP A 368 -3.43 3.30 15.96
N ARG A 369 -4.23 3.10 14.92
CA ARG A 369 -5.60 2.64 15.13
C ARG A 369 -5.63 1.29 15.81
N SER A 370 -4.61 0.47 15.57
CA SER A 370 -4.59 -0.86 16.19
C SER A 370 -4.40 -0.77 17.69
N GLU A 371 -4.03 0.40 18.20
CA GLU A 371 -3.86 0.57 19.63
C GLU A 371 -4.85 1.59 20.20
N LEU A 372 -5.29 2.53 19.37
CA LEU A 372 -6.15 3.59 19.84
C LEU A 372 -7.63 3.22 19.71
N TYR A 373 -7.92 2.07 19.10
CA TYR A 373 -9.29 1.67 18.76
C TYR A 373 -10.30 1.71 19.91
N LYS A 374 -9.84 1.55 21.14
CA LYS A 374 -10.77 1.58 22.28
C LYS A 374 -10.82 2.87 23.07
N TYR A 375 -10.29 3.95 22.51
CA TYR A 375 -10.33 5.23 23.18
C TYR A 375 -11.13 6.23 22.35
N LYS A 376 -11.77 7.17 23.03
CA LYS A 376 -12.49 8.25 22.37
C LYS A 376 -12.35 9.42 23.30
N VAL A 377 -12.06 10.60 22.75
CA VAL A 377 -11.99 11.81 23.59
C VAL A 377 -13.38 12.35 23.86
N VAL A 378 -13.62 12.79 25.08
CA VAL A 378 -14.91 13.32 25.42
C VAL A 378 -14.81 14.58 26.25
N GLU A 379 -15.63 15.56 25.91
CA GLU A 379 -15.75 16.81 26.67
C GLU A 379 -16.76 16.53 27.77
N ILE A 380 -16.41 16.87 29.00
CA ILE A 380 -17.32 16.59 30.09
C ILE A 380 -18.54 17.52 30.11
N LYS B 1 -19.49 8.95 -22.55
CA LYS B 1 -18.54 9.20 -21.49
C LYS B 1 -17.14 9.48 -22.05
N LYS B 2 -16.11 9.08 -21.30
CA LYS B 2 -14.72 9.35 -21.67
C LYS B 2 -13.98 8.09 -22.12
N VAL B 3 -13.44 8.13 -23.33
CA VAL B 3 -12.68 7.02 -23.90
C VAL B 3 -11.27 7.48 -24.23
N VAL B 4 -10.27 6.68 -23.84
CA VAL B 4 -8.88 6.98 -24.19
C VAL B 4 -8.29 5.92 -25.10
N LEU B 5 -7.66 6.36 -26.18
CA LEU B 5 -7.06 5.45 -27.16
C LEU B 5 -5.55 5.40 -27.02
N GLY B 6 -4.99 4.21 -27.20
CA GLY B 6 -3.57 4.04 -27.07
C GLY B 6 -2.99 2.98 -28.00
N LYS B 7 -1.76 3.21 -28.45
CA LYS B 7 -1.10 2.28 -29.34
C LYS B 7 -0.22 1.32 -28.56
N LYS B 8 -0.14 0.08 -29.04
CA LYS B 8 0.68 -0.95 -28.42
C LYS B 8 2.10 -0.44 -28.18
N GLY B 9 2.68 -0.80 -27.03
CA GLY B 9 4.03 -0.37 -26.69
C GLY B 9 4.15 1.06 -26.20
N ASP B 10 3.11 1.85 -26.40
CA ASP B 10 3.16 3.22 -25.91
C ASP B 10 2.81 3.29 -24.43
N THR B 11 2.83 4.48 -23.89
CA THR B 11 2.54 4.67 -22.50
C THR B 11 1.38 5.63 -22.41
N VAL B 12 0.45 5.37 -21.48
CA VAL B 12 -0.73 6.23 -21.38
C VAL B 12 -0.92 6.74 -19.95
N GLU B 13 -1.53 7.91 -19.83
CA GLU B 13 -1.74 8.47 -18.50
C GLU B 13 -3.21 8.87 -18.26
N LEU B 14 -3.95 7.98 -17.61
CA LEU B 14 -5.36 8.24 -17.27
C LEU B 14 -5.39 9.15 -16.06
N THR B 15 -6.24 10.16 -16.11
CA THR B 15 -6.28 11.19 -15.06
C THR B 15 -7.35 10.88 -14.01
N CYS B 16 -7.22 11.54 -12.86
CA CYS B 16 -8.17 11.39 -11.75
C CYS B 16 -7.97 12.52 -10.75
N THR B 17 -9.05 13.18 -10.36
CA THR B 17 -8.95 14.34 -9.48
C THR B 17 -9.90 14.26 -8.28
N ALA B 18 -9.39 14.64 -7.11
CA ALA B 18 -10.20 14.67 -5.90
C ALA B 18 -10.65 16.09 -5.69
N SER B 19 -11.92 16.23 -5.31
CA SER B 19 -12.62 17.51 -5.21
C SER B 19 -11.77 18.69 -4.70
N GLN B 20 -10.76 19.03 -5.50
CA GLN B 20 -9.87 20.17 -5.28
C GLN B 20 -9.31 20.22 -3.86
N LYS B 21 -8.62 19.16 -3.46
CA LYS B 21 -8.25 19.05 -2.05
C LYS B 21 -6.76 18.84 -1.80
N LYS B 22 -6.47 17.75 -1.11
CA LYS B 22 -5.12 17.47 -0.60
C LYS B 22 -4.67 16.06 -0.99
N SER B 23 -3.69 15.52 -0.25
CA SER B 23 -3.28 14.13 -0.42
C SER B 23 -4.16 13.19 0.40
N ILE B 24 -4.97 12.39 -0.29
CA ILE B 24 -5.82 11.42 0.38
C ILE B 24 -5.80 10.08 -0.33
N GLN B 25 -6.53 9.12 0.24
CA GLN B 25 -6.53 7.77 -0.28
C GLN B 25 -7.25 7.72 -1.63
N PHE B 26 -6.76 6.86 -2.53
CA PHE B 26 -7.38 6.66 -3.82
C PHE B 26 -7.07 5.26 -4.27
N HIS B 27 -7.94 4.68 -5.09
CA HIS B 27 -7.58 3.41 -5.69
C HIS B 27 -8.05 3.33 -7.15
N TRP B 28 -7.31 2.60 -7.99
CA TRP B 28 -7.71 2.38 -9.39
C TRP B 28 -8.15 0.92 -9.57
N LYS B 29 -9.36 0.72 -10.05
CA LYS B 29 -9.83 -0.64 -10.30
C LYS B 29 -10.13 -0.84 -11.78
N ASN B 30 -10.08 -2.08 -12.23
CA ASN B 30 -10.58 -2.38 -13.53
C ASN B 30 -12.07 -2.71 -13.43
N SER B 31 -12.69 -3.06 -14.55
CA SER B 31 -14.11 -3.33 -14.59
C SER B 31 -14.43 -4.60 -13.82
N ASN B 32 -13.43 -5.48 -13.71
CA ASN B 32 -13.60 -6.73 -12.97
C ASN B 32 -13.37 -6.59 -11.47
N GLN B 33 -13.38 -5.33 -11.02
CA GLN B 33 -13.10 -4.96 -9.63
C GLN B 33 -11.73 -5.39 -9.08
N ILE B 34 -10.83 -5.86 -9.95
CA ILE B 34 -9.46 -6.19 -9.54
C ILE B 34 -8.74 -4.89 -9.23
N LYS B 35 -7.97 -4.88 -8.15
CA LYS B 35 -7.24 -3.67 -7.76
C LYS B 35 -6.01 -3.50 -8.62
N ILE B 36 -5.79 -2.29 -9.10
CA ILE B 36 -4.64 -2.02 -9.95
C ILE B 36 -3.53 -1.37 -9.16
N LEU B 37 -3.85 -0.25 -8.54
CA LEU B 37 -2.82 0.64 -8.05
C LEU B 37 -3.54 1.65 -7.17
N GLY B 38 -2.93 1.95 -6.02
CA GLY B 38 -3.47 2.98 -5.14
C GLY B 38 -2.43 3.43 -4.12
N ASN B 39 -2.81 4.30 -3.20
CA ASN B 39 -1.86 4.69 -2.16
C ASN B 39 -2.12 4.15 -0.74
N GLN B 40 -1.03 4.04 0.03
CA GLN B 40 -1.07 3.79 1.46
C GLN B 40 -0.23 4.89 2.09
N GLY B 41 -0.91 5.90 2.56
CA GLY B 41 -0.24 7.10 3.02
C GLY B 41 0.66 7.61 1.92
N SER B 42 1.96 7.54 2.16
CA SER B 42 2.96 8.12 1.26
C SER B 42 3.44 7.14 0.21
N PHE B 43 3.05 5.87 0.33
CA PHE B 43 3.56 4.84 -0.56
C PHE B 43 2.57 4.41 -1.62
N LEU B 44 3.10 3.81 -2.68
CA LEU B 44 2.29 3.27 -3.76
C LEU B 44 2.10 1.77 -3.55
N THR B 45 0.85 1.30 -3.63
CA THR B 45 0.57 -0.13 -3.64
C THR B 45 -0.03 -0.50 -4.99
N LYS B 46 0.01 -1.78 -5.29
CA LYS B 46 -0.41 -2.30 -6.57
C LYS B 46 -1.08 -3.64 -6.31
N GLY B 47 -2.19 -3.87 -6.98
CA GLY B 47 -2.95 -5.09 -6.76
C GLY B 47 -2.58 -6.22 -7.69
N PRO B 48 -3.32 -7.33 -7.60
CA PRO B 48 -2.99 -8.58 -8.28
C PRO B 48 -3.51 -8.57 -9.71
N SER B 49 -3.35 -7.45 -10.39
CA SER B 49 -3.81 -7.30 -11.75
C SER B 49 -2.69 -7.57 -12.75
N LYS B 50 -3.10 -8.01 -13.94
CA LYS B 50 -2.22 -8.31 -15.05
C LYS B 50 -1.24 -7.17 -15.39
N LEU B 51 -1.65 -5.94 -15.13
CA LEU B 51 -0.87 -4.78 -15.50
C LEU B 51 0.23 -4.46 -14.49
N ASN B 52 0.36 -5.31 -13.46
CA ASN B 52 1.15 -4.98 -12.27
C ASN B 52 2.47 -4.23 -12.51
N ASP B 53 3.41 -4.84 -13.22
CA ASP B 53 4.74 -4.24 -13.35
C ASP B 53 4.87 -3.08 -14.35
N ARG B 54 3.76 -2.58 -14.88
CA ARG B 54 3.77 -1.49 -15.86
C ARG B 54 2.87 -0.32 -15.41
N ALA B 55 2.03 -0.57 -14.43
CA ALA B 55 1.25 0.51 -13.84
C ALA B 55 2.15 1.35 -12.95
N ASP B 56 1.92 2.66 -12.95
CA ASP B 56 2.66 3.57 -12.07
C ASP B 56 1.74 4.76 -11.83
N SER B 57 2.15 5.67 -10.96
CA SER B 57 1.37 6.87 -10.73
C SER B 57 2.34 8.02 -10.50
N ARG B 58 1.85 9.24 -10.49
CA ARG B 58 2.73 10.39 -10.38
C ARG B 58 2.64 10.97 -8.97
N ARG B 59 3.39 10.37 -8.04
CA ARG B 59 3.26 10.63 -6.60
C ARG B 59 3.35 12.09 -6.23
N SER B 60 4.19 12.84 -6.93
CA SER B 60 4.41 14.25 -6.62
C SER B 60 3.15 15.10 -6.79
N LEU B 61 2.21 14.60 -7.57
CA LEU B 61 0.97 15.31 -7.82
C LEU B 61 -0.09 15.03 -6.78
N TRP B 62 0.20 14.10 -5.87
CA TRP B 62 -0.81 13.64 -4.92
C TRP B 62 -1.23 14.74 -3.92
N ASP B 63 -0.31 15.62 -3.54
CA ASP B 63 -0.64 16.76 -2.68
C ASP B 63 -1.79 17.53 -3.27
N GLN B 64 -1.73 17.75 -4.58
CA GLN B 64 -2.73 18.53 -5.30
C GLN B 64 -4.01 17.75 -5.67
N GLY B 65 -4.14 16.53 -5.19
CA GLY B 65 -5.30 15.72 -5.52
C GLY B 65 -5.37 15.25 -6.96
N ASN B 66 -4.22 15.06 -7.59
CA ASN B 66 -4.18 14.36 -8.88
C ASN B 66 -3.57 12.98 -8.73
N PHE B 67 -4.29 11.95 -9.16
CA PHE B 67 -3.86 10.58 -8.93
C PHE B 67 -3.86 9.77 -10.20
N PRO B 68 -2.95 10.10 -11.13
CA PRO B 68 -3.02 9.43 -12.43
C PRO B 68 -2.69 7.95 -12.35
N LEU B 69 -3.27 7.18 -13.26
CA LEU B 69 -2.87 5.80 -13.51
C LEU B 69 -2.07 5.87 -14.78
N ILE B 70 -0.81 5.51 -14.68
CA ILE B 70 0.10 5.49 -15.81
C ILE B 70 0.28 4.04 -16.19
N ILE B 71 0.15 3.74 -17.48
CA ILE B 71 0.30 2.36 -17.97
C ILE B 71 1.33 2.41 -19.06
N LYS B 72 2.45 1.73 -18.82
CA LYS B 72 3.60 1.79 -19.72
C LYS B 72 3.52 0.62 -20.64
N ASN B 73 4.11 0.76 -21.82
CA ASN B 73 4.18 -0.35 -22.77
C ASN B 73 2.83 -1.04 -22.97
N LEU B 74 1.80 -0.24 -23.31
CA LEU B 74 0.43 -0.72 -23.43
C LEU B 74 0.32 -2.07 -24.14
N LYS B 75 -0.45 -2.99 -23.60
CA LYS B 75 -0.80 -4.22 -24.30
C LYS B 75 -2.26 -4.17 -24.72
N ILE B 76 -2.58 -4.87 -25.80
CA ILE B 76 -3.95 -4.91 -26.32
C ILE B 76 -4.92 -5.22 -25.21
N GLU B 77 -4.57 -6.19 -24.39
CA GLU B 77 -5.43 -6.70 -23.34
C GLU B 77 -5.63 -5.75 -22.18
N ASP B 78 -4.88 -4.64 -22.15
CA ASP B 78 -5.08 -3.65 -21.12
C ASP B 78 -6.42 -2.96 -21.35
N SER B 79 -6.95 -3.11 -22.56
CA SER B 79 -8.23 -2.54 -22.91
C SER B 79 -9.27 -2.98 -21.88
N ASP B 80 -9.88 -2.01 -21.22
CA ASP B 80 -10.80 -2.27 -20.13
C ASP B 80 -11.42 -0.95 -19.72
N THR B 81 -12.35 -1.02 -18.80
CA THR B 81 -12.86 0.18 -18.18
C THR B 81 -12.20 0.31 -16.81
N TYR B 82 -11.59 1.46 -16.56
CA TYR B 82 -10.89 1.70 -15.31
C TYR B 82 -11.65 2.68 -14.42
N ILE B 83 -11.69 2.38 -13.13
CA ILE B 83 -12.38 3.24 -12.18
C ILE B 83 -11.38 3.75 -11.15
N CYS B 84 -11.32 5.07 -10.97
CA CYS B 84 -10.58 5.65 -9.87
C CYS B 84 -11.54 6.04 -8.75
N GLU B 85 -11.43 5.36 -7.61
CA GLU B 85 -12.20 5.69 -6.43
C GLU B 85 -11.41 6.65 -5.56
N VAL B 86 -11.92 7.86 -5.35
CA VAL B 86 -11.38 8.75 -4.33
C VAL B 86 -12.45 8.94 -3.25
N GLU B 87 -12.53 10.13 -2.67
CA GLU B 87 -13.43 10.31 -1.54
C GLU B 87 -14.86 10.49 -1.99
N ASP B 88 -15.62 9.40 -1.85
CA ASP B 88 -17.01 9.26 -2.32
C ASP B 88 -17.12 9.09 -3.85
N GLN B 89 -16.18 9.68 -4.58
CA GLN B 89 -16.21 9.65 -6.05
C GLN B 89 -15.83 8.30 -6.67
N LYS B 90 -16.43 8.07 -7.83
CA LYS B 90 -16.02 7.04 -8.75
C LYS B 90 -15.93 7.70 -10.12
N GLU B 91 -14.74 7.76 -10.70
CA GLU B 91 -14.57 8.25 -12.07
C GLU B 91 -14.20 7.09 -12.98
N GLU B 92 -14.75 7.10 -14.19
CA GLU B 92 -14.53 6.01 -15.14
C GLU B 92 -13.93 6.47 -16.47
N VAL B 93 -13.01 5.66 -16.96
CA VAL B 93 -12.42 5.93 -18.26
C VAL B 93 -12.22 4.58 -18.93
N GLN B 94 -12.58 4.52 -20.20
CA GLN B 94 -12.47 3.31 -20.97
C GLN B 94 -11.20 3.38 -21.81
N LEU B 95 -10.36 2.36 -21.67
CA LEU B 95 -9.09 2.30 -22.40
C LEU B 95 -9.27 1.34 -23.57
N LEU B 96 -8.92 1.80 -24.76
CA LEU B 96 -8.88 0.92 -25.93
C LEU B 96 -7.45 0.90 -26.50
N VAL B 97 -6.82 -0.27 -26.55
CA VAL B 97 -5.49 -0.37 -27.14
C VAL B 97 -5.54 -1.11 -28.47
N PHE B 98 -4.90 -0.54 -29.49
CA PHE B 98 -4.76 -1.19 -30.78
C PHE B 98 -3.31 -1.30 -31.19
N GLY B 99 -3.01 -2.30 -32.00
CA GLY B 99 -1.73 -2.34 -32.68
C GLY B 99 -1.93 -2.56 -34.15
N LEU B 100 -0.99 -2.08 -34.96
CA LEU B 100 -1.03 -2.35 -36.38
C LEU B 100 0.29 -2.91 -36.90
N THR B 101 0.24 -4.14 -37.36
CA THR B 101 1.43 -4.88 -37.70
C THR B 101 1.44 -5.34 -39.16
N ALA B 102 2.63 -5.40 -39.74
CA ALA B 102 2.82 -5.98 -41.06
C ALA B 102 3.23 -7.43 -40.89
N ASN B 103 2.27 -8.34 -41.08
CA ASN B 103 2.47 -9.78 -40.84
C ASN B 103 3.25 -10.48 -41.94
N SER B 104 3.82 -9.68 -42.83
CA SER B 104 4.77 -10.18 -43.80
C SER B 104 6.13 -10.09 -43.14
N ASP B 105 7.17 -10.49 -43.86
CA ASP B 105 8.53 -10.40 -43.37
C ASP B 105 8.92 -8.92 -43.24
N THR B 106 10.23 -8.66 -43.19
CA THR B 106 10.70 -7.29 -43.34
C THR B 106 10.85 -6.95 -44.82
N HIS B 107 11.73 -7.67 -45.52
CA HIS B 107 11.99 -7.42 -46.93
C HIS B 107 11.13 -8.29 -47.87
N LEU B 108 10.21 -7.62 -48.59
CA LEU B 108 9.40 -8.26 -49.62
C LEU B 108 9.84 -7.74 -50.98
N LEU B 109 9.24 -8.25 -52.05
CA LEU B 109 9.49 -7.67 -53.38
C LEU B 109 8.46 -8.11 -54.40
N GLN B 110 8.64 -7.59 -55.62
CA GLN B 110 7.95 -8.07 -56.81
C GLN B 110 6.43 -8.05 -56.74
N GLY B 111 5.82 -9.24 -56.79
CA GLY B 111 4.38 -9.36 -56.84
C GLY B 111 3.78 -9.97 -55.59
N GLN B 112 4.60 -10.06 -54.53
CA GLN B 112 4.15 -10.49 -53.21
C GLN B 112 2.95 -9.69 -52.72
N SER B 113 2.20 -10.24 -51.79
CA SER B 113 1.09 -9.51 -51.22
C SER B 113 1.43 -9.03 -49.82
N LEU B 114 1.28 -7.72 -49.61
CA LEU B 114 1.46 -7.13 -48.28
C LEU B 114 0.11 -7.19 -47.56
N THR B 115 0.15 -7.60 -46.30
CA THR B 115 -1.08 -7.78 -45.53
C THR B 115 -0.93 -7.23 -44.11
N LEU B 116 -1.65 -6.14 -43.81
CA LEU B 116 -1.53 -5.51 -42.50
C LEU B 116 -2.62 -5.98 -41.54
N THR B 117 -2.23 -6.26 -40.30
CA THR B 117 -3.21 -6.71 -39.30
C THR B 117 -3.41 -5.70 -38.18
N LEU B 118 -4.67 -5.43 -37.87
CA LEU B 118 -5.01 -4.64 -36.72
C LEU B 118 -5.15 -5.61 -35.57
N GLU B 119 -4.40 -5.37 -34.50
CA GLU B 119 -4.66 -6.07 -33.26
C GLU B 119 -5.60 -5.18 -32.45
N SER B 120 -6.75 -5.72 -32.08
CA SER B 120 -7.76 -4.90 -31.42
C SER B 120 -8.37 -5.65 -30.24
N PRO B 121 -9.04 -4.93 -29.31
CA PRO B 121 -9.77 -5.57 -28.22
C PRO B 121 -11.17 -5.96 -28.68
N PRO B 122 -11.86 -6.83 -27.92
CA PRO B 122 -13.23 -7.28 -28.22
C PRO B 122 -14.33 -6.27 -27.89
N GLY B 123 -13.99 -5.07 -27.42
CA GLY B 123 -14.97 -4.01 -27.29
C GLY B 123 -14.94 -3.13 -28.54
N SER B 124 -14.01 -3.45 -29.43
CA SER B 124 -13.70 -2.63 -30.58
C SER B 124 -14.39 -3.08 -31.85
N SER B 125 -14.88 -2.13 -32.61
CA SER B 125 -15.11 -2.32 -34.04
C SER B 125 -14.66 -1.04 -34.73
N PRO B 126 -13.34 -0.82 -34.79
CA PRO B 126 -12.87 0.45 -35.35
C PRO B 126 -12.80 0.35 -36.86
N SER B 127 -12.87 1.49 -37.55
CA SER B 127 -12.61 1.50 -38.99
C SER B 127 -11.13 1.75 -39.22
N VAL B 128 -10.58 1.10 -40.24
CA VAL B 128 -9.14 1.14 -40.52
C VAL B 128 -8.86 1.50 -41.96
N GLN B 129 -7.93 2.43 -42.16
CA GLN B 129 -7.48 2.78 -43.49
C GLN B 129 -5.97 3.06 -43.54
N CYS B 130 -5.33 2.60 -44.60
CA CYS B 130 -3.90 2.77 -44.75
C CYS B 130 -3.51 3.51 -46.04
N ARG B 131 -2.71 4.55 -45.89
CA ARG B 131 -2.26 5.39 -46.98
C ARG B 131 -0.90 4.90 -47.49
N SER B 132 -0.83 4.56 -48.78
CA SER B 132 0.41 4.11 -49.41
C SER B 132 1.42 5.26 -49.48
N PRO B 133 2.65 4.97 -49.94
CA PRO B 133 3.56 6.09 -50.19
C PRO B 133 3.04 6.96 -51.34
N ARG B 134 2.35 6.34 -52.29
CA ARG B 134 1.80 7.05 -53.44
C ARG B 134 0.46 7.70 -53.15
N GLY B 135 0.07 7.72 -51.87
CA GLY B 135 -1.16 8.39 -51.47
C GLY B 135 -2.41 7.54 -51.63
N LYS B 136 -2.22 6.32 -52.10
CA LYS B 136 -3.32 5.38 -52.29
C LYS B 136 -3.79 4.83 -50.94
N ASN B 137 -5.04 5.11 -50.55
CA ASN B 137 -5.55 4.47 -49.35
C ASN B 137 -6.43 3.25 -49.59
N ILE B 138 -6.56 2.43 -48.55
CA ILE B 138 -7.25 1.14 -48.63
C ILE B 138 -8.03 0.96 -47.34
N GLN B 139 -9.32 1.27 -47.36
CA GLN B 139 -10.15 1.04 -46.18
C GLN B 139 -10.32 -0.48 -45.96
N GLY B 140 -10.55 -0.87 -44.70
CA GLY B 140 -10.59 -2.29 -44.41
C GLY B 140 -11.00 -2.66 -42.99
N GLY B 141 -11.37 -3.94 -42.82
CA GLY B 141 -11.91 -4.42 -41.56
C GLY B 141 -10.88 -4.57 -40.45
N LYS B 142 -10.37 -5.78 -40.29
CA LYS B 142 -9.38 -6.07 -39.26
C LYS B 142 -8.07 -6.55 -39.91
N THR B 143 -8.15 -6.90 -41.19
CA THR B 143 -6.97 -7.31 -41.95
C THR B 143 -7.08 -6.87 -43.40
N LEU B 144 -6.57 -5.67 -43.68
CA LEU B 144 -6.61 -5.12 -45.03
C LEU B 144 -5.27 -5.37 -45.73
N SER B 145 -5.32 -5.61 -47.03
CA SER B 145 -4.13 -6.02 -47.77
C SER B 145 -4.07 -5.41 -49.17
N VAL B 146 -2.96 -5.67 -49.86
CA VAL B 146 -2.79 -5.24 -51.24
C VAL B 146 -2.67 -6.45 -52.17
N SER B 147 -3.45 -6.42 -53.24
CA SER B 147 -3.50 -7.49 -54.21
C SER B 147 -2.12 -7.93 -54.65
N GLN B 148 -1.46 -7.10 -55.46
CA GLN B 148 -0.08 -7.34 -55.82
C GLN B 148 0.77 -6.12 -55.52
N LEU B 149 1.90 -6.35 -54.85
CA LEU B 149 2.79 -5.28 -54.44
C LEU B 149 3.44 -4.66 -55.66
N GLU B 150 4.31 -3.68 -55.43
CA GLU B 150 5.02 -3.03 -56.51
C GLU B 150 6.24 -2.31 -55.95
N LEU B 151 7.10 -1.81 -56.82
CA LEU B 151 8.34 -1.17 -56.41
C LEU B 151 8.12 0.12 -55.62
N GLN B 152 7.17 0.93 -56.06
CA GLN B 152 6.86 2.18 -55.35
C GLN B 152 5.88 1.94 -54.23
N ASP B 153 5.50 0.67 -54.03
CA ASP B 153 4.74 0.29 -52.85
C ASP B 153 5.65 0.11 -51.65
N SER B 154 6.81 0.75 -51.70
CA SER B 154 7.77 0.72 -50.60
C SER B 154 7.92 2.11 -50.01
N GLY B 155 8.23 2.17 -48.71
CA GLY B 155 8.35 3.44 -48.03
C GLY B 155 7.52 3.49 -46.76
N THR B 156 7.02 4.68 -46.46
CA THR B 156 6.28 4.92 -45.22
C THR B 156 4.75 4.90 -45.38
N TRP B 157 4.16 3.72 -45.18
CA TRP B 157 2.70 3.55 -45.14
C TRP B 157 2.10 4.18 -43.87
N THR B 158 1.13 5.07 -44.05
CA THR B 158 0.48 5.73 -42.92
C THR B 158 -0.94 5.21 -42.72
N CYS B 159 -1.19 4.63 -41.54
CA CYS B 159 -2.47 4.01 -41.23
C CYS B 159 -3.18 4.73 -40.10
N THR B 160 -4.46 5.04 -40.31
CA THR B 160 -5.30 5.71 -39.34
C THR B 160 -6.32 4.72 -38.79
N VAL B 161 -6.43 4.64 -37.47
CA VAL B 161 -7.45 3.81 -36.83
C VAL B 161 -8.49 4.69 -36.11
N LEU B 162 -9.72 4.68 -36.61
CA LEU B 162 -10.80 5.51 -36.08
C LEU B 162 -11.69 4.75 -35.11
N GLN B 163 -11.97 5.37 -33.97
CA GLN B 163 -12.85 4.76 -32.97
C GLN B 163 -13.29 5.84 -31.97
N ASN B 164 -14.60 6.07 -31.89
CA ASN B 164 -15.17 7.13 -31.04
C ASN B 164 -14.77 8.55 -31.46
N GLN B 165 -14.12 8.65 -32.61
CA GLN B 165 -13.87 9.91 -33.35
C GLN B 165 -13.22 11.13 -32.67
N LYS B 166 -11.97 11.12 -32.16
CA LYS B 166 -11.06 10.01 -31.82
C LYS B 166 -10.36 9.14 -32.89
N LYS B 167 -9.02 9.19 -32.88
CA LYS B 167 -8.18 8.39 -33.81
C LYS B 167 -6.78 8.08 -33.26
N VAL B 168 -6.14 7.02 -33.80
CA VAL B 168 -4.68 6.82 -33.62
C VAL B 168 -4.02 6.50 -34.96
N GLU B 169 -2.69 6.69 -35.02
CA GLU B 169 -1.97 6.55 -36.28
C GLU B 169 -0.80 5.57 -36.16
N PHE B 170 -0.63 4.72 -37.16
CA PHE B 170 0.50 3.81 -37.18
C PHE B 170 1.34 4.05 -38.41
N LYS B 171 2.50 4.68 -38.25
CA LYS B 171 3.45 4.75 -39.35
C LYS B 171 4.25 3.46 -39.41
N ILE B 172 4.16 2.80 -40.57
CA ILE B 172 4.79 1.53 -40.79
C ILE B 172 5.65 1.66 -42.03
N ASP B 173 6.91 1.27 -41.94
CA ASP B 173 7.74 1.23 -43.11
C ASP B 173 7.76 -0.15 -43.75
N ILE B 174 7.61 -0.17 -45.07
CA ILE B 174 7.66 -1.39 -45.84
C ILE B 174 8.76 -1.21 -46.88
N VAL B 175 9.52 -2.27 -47.13
CA VAL B 175 10.60 -2.17 -48.10
C VAL B 175 10.52 -3.22 -49.20
N VAL B 176 10.22 -2.75 -50.40
CA VAL B 176 10.24 -3.55 -51.61
C VAL B 176 11.07 -2.79 -52.65
N LEU B 177 12.32 -3.21 -52.81
CA LEU B 177 13.23 -2.55 -53.75
C LEU B 177 14.43 -3.42 -54.11
C1 NAG C . -18.61 -4.84 14.02
C2 NAG C . -18.92 -5.06 12.53
C3 NAG C . -19.87 -3.97 12.01
C4 NAG C . -21.09 -3.80 12.91
C5 NAG C . -20.65 -3.61 14.36
C6 NAG C . -21.81 -3.58 15.32
C7 NAG C . -16.84 -6.10 11.67
C8 NAG C . -15.64 -5.88 10.81
N2 NAG C . -17.69 -5.06 11.76
O3 NAG C . -20.29 -4.32 10.70
O4 NAG C . -21.83 -2.66 12.51
O5 NAG C . -19.83 -4.73 14.76
O6 NAG C . -21.38 -3.75 16.66
O7 NAG C . -17.02 -7.14 12.27
C1 NAG D . 10.44 -4.22 19.72
C2 NAG D . 11.69 -3.64 19.10
C3 NAG D . 12.93 -4.35 19.65
C4 NAG D . 12.92 -4.29 21.17
C5 NAG D . 11.65 -4.99 21.63
C6 NAG D . 11.52 -5.10 23.14
C7 NAG D . 11.37 -2.75 16.86
C8 NAG D . 11.32 -3.06 15.39
N2 NAG D . 11.61 -3.78 17.66
O3 NAG D . 14.10 -3.72 19.15
O4 NAG D . 14.08 -4.87 21.74
O5 NAG D . 10.55 -4.23 21.15
O6 NAG D . 11.69 -3.85 23.77
O7 NAG D . 11.22 -1.61 17.29
C1 NAG E . -20.01 -1.57 1.75
C2 NAG E . -20.24 -0.07 1.70
C3 NAG E . -20.81 0.30 0.32
C4 NAG E . -19.87 -0.17 -0.77
C5 NAG E . -19.53 -1.66 -0.60
C6 NAG E . -18.41 -2.10 -1.52
C7 NAG E . -20.74 1.31 3.65
C8 NAG E . -21.74 1.64 4.71
N2 NAG E . -21.11 0.37 2.77
O3 NAG E . -20.98 1.71 0.23
O4 NAG E . -20.43 0.06 -2.06
O5 NAG E . -19.07 -1.94 0.74
O6 NAG E . -17.17 -1.51 -1.13
O7 NAG E . -19.66 1.87 3.58
C1 NAG F . -7.41 -16.99 20.11
C2 NAG F . -7.54 -17.92 21.33
C3 NAG F . -8.00 -19.29 20.87
C4 NAG F . -9.26 -19.17 20.04
C5 NAG F . -9.02 -18.18 18.90
C6 NAG F . -10.25 -17.92 18.05
C7 NAG F . -6.17 -17.77 23.36
C8 NAG F . -7.44 -17.40 24.06
N2 NAG F . -6.28 -18.01 22.04
O3 NAG F . -8.23 -20.08 22.04
O4 NAG F . -9.63 -20.43 19.52
O5 NAG F . -8.63 -16.92 19.45
O6 NAG F . -10.13 -16.67 17.39
O7 NAG F . -5.09 -17.84 23.94
C1 NAG G . 2.60 -26.21 6.71
C2 NAG G . 2.76 -27.28 7.78
C3 NAG G . 1.57 -28.23 7.77
C4 NAG G . 0.27 -27.45 7.93
C5 NAG G . 0.17 -26.35 6.87
C6 NAG G . -1.01 -25.44 7.09
C7 NAG G . 4.95 -28.09 8.58
C8 NAG G . 6.16 -28.90 8.24
N2 NAG G . 4.01 -28.01 7.62
O3 NAG G . 1.69 -29.20 8.81
O4 NAG G . -0.85 -28.32 7.84
O5 NAG G . 1.34 -25.52 6.91
O6 NAG G . -1.06 -24.99 8.44
O7 NAG G . 4.81 -27.52 9.66
C1 NAG H . 10.83 -12.92 -2.92
C2 NAG H . 10.77 -11.97 -4.08
C3 NAG H . 10.02 -12.62 -5.23
C4 NAG H . 10.67 -13.96 -5.57
C5 NAG H . 10.90 -14.81 -4.31
C6 NAG H . 11.81 -15.99 -4.55
C7 NAG H . 10.82 -9.54 -3.62
C8 NAG H . 10.02 -8.35 -3.20
N2 NAG H . 10.15 -10.71 -3.70
O3 NAG H . 10.06 -11.75 -6.36
O4 NAG H . 9.84 -14.67 -6.48
O5 NAG H . 11.54 -14.04 -3.28
O6 NAG H . 12.99 -15.87 -3.77
O7 NAG H . 12.02 -9.48 -3.87
C1 NAG I . 5.70 -17.51 -1.55
C2 NAG I . 5.28 -17.34 -3.01
C3 NAG I . 5.63 -18.60 -3.79
C4 NAG I . 7.11 -18.94 -3.62
C5 NAG I . 7.49 -19.00 -2.13
C6 NAG I . 8.98 -19.14 -1.90
C7 NAG I . 3.35 -16.05 -3.83
C8 NAG I . 4.33 -15.25 -4.65
N2 NAG I . 3.85 -17.04 -3.09
O3 NAG I . 5.33 -18.39 -5.17
O4 NAG I . 7.42 -20.18 -4.23
O5 NAG I . 7.10 -17.77 -1.49
O6 NAG I . 9.34 -18.78 -0.56
O7 NAG I . 2.13 -15.81 -3.87
C1 NAG J . 8.35 -7.32 23.37
C2 NAG J . 6.98 -7.58 24.01
C3 NAG J . 7.14 -8.44 25.27
C4 NAG J . 7.88 -9.72 24.93
C5 NAG J . 9.23 -9.38 24.29
C6 NAG J . 10.06 -10.59 23.89
C7 NAG J . 5.14 -5.95 23.73
C8 NAG J . 4.58 -4.63 24.20
N2 NAG J . 6.29 -6.33 24.32
O3 NAG J . 5.87 -8.74 25.84
O4 NAG J . 8.07 -10.52 26.10
O5 NAG J . 9.03 -8.58 23.12
O6 NAG J . 9.30 -11.55 23.16
O7 NAG J . 4.59 -6.63 22.86
N1 EPE K . 2.92 19.49 20.68
C2 EPE K . 3.66 18.34 20.17
C3 EPE K . 3.39 17.17 21.08
N4 EPE K . 1.97 16.90 21.03
C5 EPE K . 1.08 17.85 20.40
C6 EPE K . 1.46 19.27 20.82
C7 EPE K . 1.45 15.79 21.80
C8 EPE K . -0.01 15.45 21.43
O8 EPE K . -0.09 15.05 20.05
C9 EPE K . 3.15 20.65 19.83
C10 EPE K . 4.62 20.71 19.42
S EPE K . 5.01 22.47 19.65
O1S EPE K . 5.48 22.68 21.03
O2S EPE K . 6.08 22.78 18.69
O3S EPE K . 3.77 23.18 19.38
#